data_5V88
#
_entry.id   5V88
#
_cell.length_a   35.392
_cell.length_b   98.677
_cell.length_c   59.181
_cell.angle_alpha   90.000
_cell.angle_beta   104.830
_cell.angle_gamma   90.000
#
_symmetry.space_group_name_H-M   'P 1 21 1'
#
loop_
_entity.id
_entity.type
_entity.pdbx_description
1 polymer 'Lysozyme,DCN1-like protein 1'
2 non-polymer N-{2-[({1-[(2R)-pentan-2-yl]piperidin-4-yl}{[3-(trifluoromethyl)phenyl]carbamoyl}amino)methyl]phenyl}propanamide
3 water water
#
_entity_poly.entity_id   1
_entity_poly.type   'polypeptide(L)'
_entity_poly.pdbx_seq_one_letter_code
;MGSSHHHHHHSQDLENLYFQGSMNIFEMLRIDEGLRLKIYKDTEGYYTIGIGHLLTKSPSLNAAKSELDKAIGRNTNGVI
TKDEAEKLFNQDVDAAVRGILRNAKLKPVYDSLDAVRRAALINMVFQMGETGVAGFTNSLRMLQQKRWAEAAVNLAKSRW
YNQTPNRTKRVITTFATGTWDAYKNLRKKLEQLYNRYKDPQDENKIGIDGIQQFCDDLALDPASISVLIIAWKFRAATQC
EFSKQEFMDGMTELGCDSIEKLKAQIPKMEQELKEPGRFKDFYQFTFNFAKNPGQKGLDLEMAIAYWNLVLNGRFKFLDL
WNKFLLEHHKRSIPKDTWNLLLDFSTMIADDMSNYDEEGAWPVLIDDFVEFARPQIAGTKSTTV
;
_entity_poly.pdbx_strand_id   A
#
loop_
_chem_comp.id
_chem_comp.type
_chem_comp.name
_chem_comp.formula
8ZD non-polymer N-{2-[({1-[(2R)-pentan-2-yl]piperidin-4-yl}{[3-(trifluoromethyl)phenyl]carbamoyl}amino)methyl]phenyl}propanamide 'C28 H37 F3 N4 O2'
#
# COMPACT_ATOMS: atom_id res chain seq x y z
N SER A 11 -0.89 -12.40 -28.03
CA SER A 11 0.20 -13.30 -27.51
C SER A 11 0.28 -13.23 -25.99
N GLN A 12 0.49 -12.03 -25.45
CA GLN A 12 0.35 -11.84 -24.01
C GLN A 12 -1.11 -11.58 -23.62
N ASP A 13 -2.02 -11.54 -24.61
CA ASP A 13 -3.43 -11.25 -24.33
C ASP A 13 -3.95 -12.20 -23.26
N LEU A 14 -4.66 -11.65 -22.29
CA LEU A 14 -5.25 -12.47 -21.26
C LEU A 14 -6.35 -13.35 -21.82
N GLU A 15 -6.93 -12.96 -22.95
CA GLU A 15 -7.90 -13.85 -23.62
C GLU A 15 -7.33 -15.24 -23.88
N ASN A 16 -6.03 -15.32 -24.13
CA ASN A 16 -5.38 -16.61 -24.28
C ASN A 16 -5.42 -17.50 -23.04
N LEU A 17 -5.84 -16.94 -21.91
CA LEU A 17 -5.91 -17.66 -20.65
C LEU A 17 -7.33 -17.91 -20.17
N TYR A 18 -8.31 -17.58 -21.01
CA TYR A 18 -9.70 -17.68 -20.57
C TYR A 18 -10.15 -19.11 -20.27
N PHE A 19 -9.39 -20.09 -20.76
CA PHE A 19 -9.68 -21.50 -20.47
C PHE A 19 -9.24 -21.93 -19.08
N GLN A 20 -8.38 -21.14 -18.43
CA GLN A 20 -7.90 -21.44 -17.10
C GLN A 20 -8.99 -21.09 -16.09
N GLY A 21 -8.73 -21.39 -14.82
CA GLY A 21 -9.59 -20.91 -13.74
C GLY A 21 -9.45 -19.40 -13.54
N SER A 22 -10.50 -18.80 -12.97
CA SER A 22 -10.47 -17.37 -12.72
C SER A 22 -9.54 -17.05 -11.54
N MET A 23 -9.43 -17.99 -10.60
CA MET A 23 -8.39 -17.89 -9.57
C MET A 23 -7.11 -18.46 -10.13
N ASN A 24 -6.02 -17.75 -9.91
CA ASN A 24 -4.74 -18.08 -10.47
C ASN A 24 -3.64 -17.45 -9.63
N ILE A 25 -2.40 -17.69 -10.04
CA ILE A 25 -1.24 -17.25 -9.30
C ILE A 25 -1.20 -15.72 -9.22
N PHE A 26 -1.64 -15.01 -10.24
CA PHE A 26 -1.67 -13.53 -10.16
C PHE A 26 -2.60 -13.09 -9.03
N GLU A 27 -3.80 -13.66 -9.00
CA GLU A 27 -4.79 -13.25 -8.00
C GLU A 27 -4.31 -13.67 -6.62
N MET A 28 -3.61 -14.80 -6.54
CA MET A 28 -3.02 -15.25 -5.29
C MET A 28 -2.00 -14.26 -4.74
N LEU A 29 -1.09 -13.82 -5.60
CA LEU A 29 -0.04 -12.89 -5.18
CA LEU A 29 -0.05 -12.91 -5.15
C LEU A 29 -0.58 -11.47 -5.03
N ARG A 30 -1.66 -11.14 -5.72
CA ARG A 30 -2.31 -9.86 -5.48
C ARG A 30 -2.73 -9.75 -4.00
N ILE A 31 -3.18 -10.88 -3.43
CA ILE A 31 -3.56 -10.93 -2.02
C ILE A 31 -2.33 -11.04 -1.13
N ASP A 32 -1.39 -11.89 -1.47
CA ASP A 32 -0.28 -12.17 -0.56
C ASP A 32 0.86 -11.14 -0.59
N GLU A 33 1.10 -10.54 -1.75
CA GLU A 33 2.22 -9.58 -1.92
C GLU A 33 1.71 -8.18 -2.17
N GLY A 34 0.60 -8.06 -2.89
CA GLY A 34 -0.03 -6.76 -3.10
C GLY A 34 0.20 -6.26 -4.51
N LEU A 35 -0.72 -5.43 -4.98
CA LEU A 35 -0.71 -4.94 -6.34
C LEU A 35 -0.72 -3.42 -6.34
N ARG A 36 0.23 -2.80 -7.03
CA ARG A 36 0.24 -1.35 -7.20
C ARG A 36 0.11 -0.99 -8.67
N LEU A 37 -0.81 -0.08 -8.99
CA LEU A 37 -1.08 0.28 -10.38
C LEU A 37 -0.34 1.55 -10.80
N LYS A 38 0.40 2.14 -9.86
CA LYS A 38 1.19 3.33 -10.10
C LYS A 38 2.62 3.07 -9.70
N ILE A 39 3.55 3.64 -10.47
CA ILE A 39 4.96 3.50 -10.15
C ILE A 39 5.22 3.96 -8.72
N TYR A 40 5.97 3.16 -7.97
CA TYR A 40 6.42 3.51 -6.63
C TYR A 40 7.86 3.06 -6.39
N LYS A 41 8.47 3.53 -5.31
CA LYS A 41 9.81 3.09 -4.95
C LYS A 41 9.72 1.93 -3.97
N ASP A 42 10.47 0.86 -4.22
CA ASP A 42 10.44 -0.29 -3.31
C ASP A 42 11.19 0.06 -2.01
N THR A 43 11.54 -0.95 -1.23
CA THR A 43 12.18 -0.72 0.07
C THR A 43 13.58 -0.17 -0.09
N GLU A 44 14.18 -0.45 -1.24
CA GLU A 44 15.37 0.25 -1.68
C GLU A 44 14.88 1.50 -2.40
N GLY A 45 15.65 2.07 -3.30
CA GLY A 45 15.22 3.31 -3.91
C GLY A 45 14.41 3.16 -5.19
N TYR A 46 14.13 1.92 -5.58
CA TYR A 46 13.93 1.61 -7.00
C TYR A 46 12.48 1.61 -7.50
N TYR A 47 12.30 2.20 -8.68
CA TYR A 47 11.00 2.29 -9.32
C TYR A 47 10.45 0.92 -9.72
N THR A 48 9.23 0.68 -9.27
CA THR A 48 8.61 -0.64 -9.31
C THR A 48 7.16 -0.42 -9.65
N ILE A 49 6.51 -1.43 -10.23
CA ILE A 49 5.06 -1.36 -10.40
C ILE A 49 4.44 -2.74 -10.36
N GLY A 50 3.12 -2.77 -10.29
CA GLY A 50 2.38 -4.03 -10.39
C GLY A 50 2.62 -4.87 -9.16
N ILE A 51 2.89 -6.16 -9.33
CA ILE A 51 3.24 -7.03 -8.22
C ILE A 51 4.77 -7.16 -8.22
N GLY A 52 5.41 -6.18 -7.61
CA GLY A 52 6.83 -6.25 -7.39
C GLY A 52 7.67 -6.25 -8.65
N HIS A 53 7.20 -5.66 -9.72
CA HIS A 53 7.95 -5.66 -10.99
C HIS A 53 8.91 -4.47 -11.05
N LEU A 54 10.20 -4.74 -10.90
CA LEU A 54 11.24 -3.72 -10.97
C LEU A 54 11.32 -3.16 -12.38
N LEU A 55 11.31 -1.82 -12.50
CA LEU A 55 11.36 -1.21 -13.81
C LEU A 55 12.80 -0.84 -14.16
N THR A 56 13.50 -0.26 -13.20
CA THR A 56 14.86 0.22 -13.44
C THR A 56 15.51 0.57 -12.11
N LYS A 57 16.84 0.65 -12.10
CA LYS A 57 17.56 1.11 -10.93
C LYS A 57 17.94 2.56 -11.13
N SER A 58 17.56 3.13 -12.28
CA SER A 58 17.82 4.53 -12.53
C SER A 58 17.10 5.43 -11.53
N PRO A 59 17.71 6.55 -11.15
CA PRO A 59 17.03 7.49 -10.26
C PRO A 59 15.97 8.31 -10.97
N SER A 60 15.93 8.19 -12.29
CA SER A 60 15.07 9.03 -13.10
C SER A 60 13.72 8.38 -13.30
N LEU A 61 12.66 9.07 -12.87
CA LEU A 61 11.30 8.60 -13.07
C LEU A 61 10.98 8.53 -14.55
N ASN A 62 11.54 9.42 -15.35
CA ASN A 62 11.26 9.40 -16.77
C ASN A 62 11.84 8.14 -17.36
N ALA A 63 12.97 7.70 -16.82
CA ALA A 63 13.58 6.44 -17.28
C ALA A 63 12.69 5.24 -16.92
N ALA A 64 12.11 5.27 -15.73
CA ALA A 64 11.24 4.20 -15.34
C ALA A 64 10.01 4.16 -16.24
N LYS A 65 9.51 5.34 -16.55
CA LYS A 65 8.32 5.46 -17.39
C LYS A 65 8.62 4.95 -18.78
N SER A 66 9.83 5.19 -19.23
CA SER A 66 10.24 4.73 -20.56
C SER A 66 10.27 3.21 -20.59
N GLU A 67 10.87 2.61 -19.56
CA GLU A 67 10.87 1.16 -19.47
C GLU A 67 9.46 0.60 -19.41
N LEU A 68 8.60 1.26 -18.65
CA LEU A 68 7.24 0.77 -18.50
C LEU A 68 6.48 0.84 -19.82
N ASP A 69 6.63 1.93 -20.57
CA ASP A 69 5.91 2.07 -21.84
C ASP A 69 6.36 0.99 -22.82
N LYS A 70 7.64 0.66 -22.83
CA LYS A 70 8.15 -0.40 -23.70
C LYS A 70 7.52 -1.76 -23.38
N ALA A 71 7.38 -2.05 -22.08
CA ALA A 71 6.85 -3.32 -21.63
C ALA A 71 5.34 -3.43 -21.87
N ILE A 72 4.63 -2.31 -21.77
CA ILE A 72 3.18 -2.32 -21.91
C ILE A 72 2.76 -2.06 -23.36
N GLY A 73 3.51 -1.21 -24.05
CA GLY A 73 3.25 -0.93 -25.46
C GLY A 73 2.34 0.26 -25.70
N ARG A 74 2.37 1.21 -24.77
CA ARG A 74 1.62 2.44 -24.88
C ARG A 74 2.26 3.43 -23.94
N ASN A 75 1.94 4.72 -24.07
CA ASN A 75 2.43 5.72 -23.12
C ASN A 75 1.54 5.75 -21.89
N THR A 76 2.06 5.22 -20.79
CA THR A 76 1.28 4.99 -19.60
C THR A 76 1.34 6.13 -18.60
N ASN A 77 2.33 7.00 -18.77
CA ASN A 77 2.71 7.99 -17.76
C ASN A 77 2.78 7.44 -16.33
N GLY A 78 3.17 6.18 -16.19
CA GLY A 78 3.43 5.63 -14.88
C GLY A 78 2.22 5.00 -14.21
N VAL A 79 1.14 4.85 -14.97
CA VAL A 79 -0.10 4.25 -14.45
C VAL A 79 -0.59 3.15 -15.41
N ILE A 80 -0.82 1.96 -14.86
CA ILE A 80 -1.33 0.82 -15.63
C ILE A 80 -2.65 0.28 -15.06
N THR A 81 -3.30 -0.56 -15.84
CA THR A 81 -4.49 -1.27 -15.40
C THR A 81 -4.11 -2.61 -14.74
N LYS A 82 -5.07 -3.19 -14.04
CA LYS A 82 -4.86 -4.49 -13.41
C LYS A 82 -4.49 -5.52 -14.47
N ASP A 83 -5.16 -5.47 -15.61
CA ASP A 83 -4.87 -6.43 -16.68
C ASP A 83 -3.43 -6.27 -17.21
N GLU A 84 -2.97 -5.03 -17.33
CA GLU A 84 -1.59 -4.77 -17.72
C GLU A 84 -0.61 -5.28 -16.65
N ALA A 85 -0.93 -5.09 -15.38
CA ALA A 85 -0.14 -5.65 -14.32
C ALA A 85 -0.08 -7.18 -14.40
N GLU A 86 -1.19 -7.81 -14.77
CA GLU A 86 -1.20 -9.25 -14.90
C GLU A 86 -0.29 -9.69 -16.03
N LYS A 87 -0.29 -8.95 -17.14
CA LYS A 87 0.61 -9.27 -18.26
C LYS A 87 2.07 -9.18 -17.82
N LEU A 88 2.44 -8.11 -17.10
CA LEU A 88 3.80 -8.00 -16.57
C LEU A 88 4.14 -9.18 -15.67
N PHE A 89 3.21 -9.51 -14.79
CA PHE A 89 3.40 -10.56 -13.82
C PHE A 89 3.56 -11.92 -14.48
N ASN A 90 2.76 -12.16 -15.52
CA ASN A 90 2.87 -13.44 -16.22
C ASN A 90 4.23 -13.65 -16.82
N GLN A 91 4.88 -12.58 -17.30
CA GLN A 91 6.25 -12.73 -17.80
C GLN A 91 7.18 -13.08 -16.65
N ASP A 92 7.00 -12.45 -15.50
CA ASP A 92 7.80 -12.77 -14.33
C ASP A 92 7.60 -14.22 -13.83
N VAL A 93 6.36 -14.67 -13.81
CA VAL A 93 6.06 -16.06 -13.46
C VAL A 93 6.68 -16.99 -14.45
N ASP A 94 6.62 -16.71 -15.75
CA ASP A 94 7.22 -17.65 -16.69
C ASP A 94 8.72 -17.76 -16.44
N ALA A 95 9.37 -16.65 -16.13
CA ALA A 95 10.81 -16.67 -15.81
C ALA A 95 11.07 -17.50 -14.55
N ALA A 96 10.23 -17.32 -13.55
CA ALA A 96 10.39 -18.03 -12.29
C ALA A 96 10.23 -19.53 -12.49
N VAL A 97 9.24 -19.90 -13.29
CA VAL A 97 9.00 -21.32 -13.57
C VAL A 97 10.17 -21.93 -14.35
N ARG A 98 10.70 -21.21 -15.33
CA ARG A 98 11.86 -21.74 -16.01
C ARG A 98 13.00 -21.98 -15.02
N GLY A 99 13.16 -21.11 -14.04
CA GLY A 99 14.20 -21.27 -13.04
C GLY A 99 13.94 -22.51 -12.19
N ILE A 100 12.68 -22.68 -11.78
CA ILE A 100 12.31 -23.88 -11.05
C ILE A 100 12.69 -25.15 -11.84
N LEU A 101 12.44 -25.13 -13.16
CA LEU A 101 12.70 -26.32 -13.99
C LEU A 101 14.21 -26.58 -14.16
N ARG A 102 15.03 -25.55 -13.95
CA ARG A 102 16.49 -25.69 -13.93
C ARG A 102 17.05 -26.16 -12.61
N ASN A 103 16.21 -26.21 -11.58
CA ASN A 103 16.69 -26.49 -10.24
C ASN A 103 16.46 -27.95 -9.89
N ALA A 104 17.53 -28.73 -9.72
CA ALA A 104 17.40 -30.16 -9.47
C ALA A 104 16.64 -30.49 -8.20
N LYS A 105 16.64 -29.58 -7.22
CA LYS A 105 15.91 -29.80 -5.99
C LYS A 105 14.43 -29.50 -6.07
N LEU A 106 14.02 -28.65 -7.02
CA LEU A 106 12.63 -28.22 -7.13
C LEU A 106 11.88 -28.82 -8.31
N LYS A 107 12.57 -29.13 -9.42
CA LYS A 107 11.87 -29.63 -10.60
C LYS A 107 11.03 -30.89 -10.29
N PRO A 108 11.60 -31.90 -9.59
CA PRO A 108 10.78 -33.12 -9.36
C PRO A 108 9.49 -32.82 -8.61
N VAL A 109 9.54 -31.99 -7.57
CA VAL A 109 8.29 -31.76 -6.85
CA VAL A 109 8.34 -31.64 -6.83
C VAL A 109 7.35 -30.92 -7.72
N TYR A 110 7.84 -29.88 -8.40
CA TYR A 110 7.00 -29.10 -9.30
C TYR A 110 6.33 -29.96 -10.37
N ASP A 111 7.10 -30.83 -10.99
CA ASP A 111 6.54 -31.70 -12.03
C ASP A 111 5.40 -32.52 -11.47
N SER A 112 5.51 -32.94 -10.21
CA SER A 112 4.52 -33.86 -9.62
C SER A 112 3.23 -33.20 -9.19
N LEU A 113 3.28 -31.91 -8.99
CA LEU A 113 2.13 -31.16 -8.47
C LEU A 113 1.09 -30.80 -9.54
N ASP A 114 -0.14 -30.79 -9.08
CA ASP A 114 -1.26 -30.25 -9.81
C ASP A 114 -1.14 -28.74 -9.90
N ALA A 115 -1.94 -28.13 -10.76
CA ALA A 115 -1.85 -26.70 -11.03
C ALA A 115 -2.01 -25.80 -9.81
N VAL A 116 -2.90 -26.17 -8.90
CA VAL A 116 -3.16 -25.29 -7.76
C VAL A 116 -1.96 -25.35 -6.85
N ARG A 117 -1.43 -26.55 -6.62
CA ARG A 117 -0.30 -26.68 -5.73
C ARG A 117 0.96 -26.10 -6.39
N ARG A 118 1.07 -26.15 -7.73
CA ARG A 118 2.16 -25.46 -8.38
C ARG A 118 2.14 -23.97 -8.06
N ALA A 119 0.95 -23.38 -8.05
CA ALA A 119 0.82 -21.97 -7.73
C ALA A 119 1.33 -21.72 -6.31
N ALA A 120 1.05 -22.60 -5.36
CA ALA A 120 1.54 -22.42 -4.01
C ALA A 120 3.08 -22.48 -3.97
N LEU A 121 3.66 -23.38 -4.76
CA LEU A 121 5.13 -23.50 -4.80
C LEU A 121 5.73 -22.23 -5.41
N ILE A 122 5.12 -21.72 -6.46
CA ILE A 122 5.61 -20.49 -7.11
C ILE A 122 5.50 -19.33 -6.15
N ASN A 123 4.41 -19.29 -5.38
CA ASN A 123 4.22 -18.29 -4.34
C ASN A 123 5.42 -18.31 -3.39
N MET A 124 5.82 -19.49 -2.95
CA MET A 124 6.95 -19.64 -2.03
C MET A 124 8.22 -19.10 -2.69
N VAL A 125 8.40 -19.43 -3.95
CA VAL A 125 9.60 -18.99 -4.64
C VAL A 125 9.65 -17.46 -4.80
N PHE A 126 8.53 -16.84 -5.09
CA PHE A 126 8.48 -15.37 -5.11
C PHE A 126 8.83 -14.80 -3.73
N GLN A 127 8.35 -15.42 -2.68
CA GLN A 127 8.63 -14.88 -1.33
C GLN A 127 10.08 -15.07 -0.87
N MET A 128 10.65 -16.24 -1.08
CA MET A 128 11.91 -16.57 -0.41
C MET A 128 13.00 -17.01 -1.36
N GLY A 129 12.67 -17.12 -2.65
CA GLY A 129 13.62 -17.49 -3.67
C GLY A 129 13.84 -18.98 -3.74
N GLU A 130 14.53 -19.45 -4.80
CA GLU A 130 14.72 -20.89 -4.97
C GLU A 130 15.51 -21.53 -3.85
N THR A 131 16.58 -20.87 -3.38
CA THR A 131 17.40 -21.47 -2.37
C THR A 131 16.64 -21.63 -1.09
N GLY A 132 15.81 -20.64 -0.75
CA GLY A 132 14.98 -20.71 0.41
C GLY A 132 14.03 -21.88 0.30
N VAL A 133 13.33 -21.99 -0.81
CA VAL A 133 12.34 -23.06 -0.96
C VAL A 133 13.05 -24.42 -0.97
N ALA A 134 14.19 -24.52 -1.63
CA ALA A 134 14.99 -25.75 -1.70
C ALA A 134 15.55 -26.21 -0.38
N GLY A 135 15.55 -25.35 0.62
CA GLY A 135 15.97 -25.76 1.95
C GLY A 135 14.96 -26.67 2.63
N PHE A 136 13.71 -26.64 2.18
CA PHE A 136 12.65 -27.44 2.78
C PHE A 136 12.63 -28.87 2.26
N THR A 137 13.78 -29.56 2.35
CA THR A 137 13.93 -30.86 1.70
C THR A 137 12.86 -31.87 2.12
N ASN A 138 12.58 -31.99 3.41
CA ASN A 138 11.63 -33.01 3.83
C ASN A 138 10.20 -32.65 3.44
N SER A 139 9.80 -31.39 3.61
CA SER A 139 8.47 -30.97 3.23
C SER A 139 8.27 -31.12 1.71
N LEU A 140 9.31 -30.83 0.91
CA LEU A 140 9.21 -31.00 -0.53
C LEU A 140 9.06 -32.47 -0.91
N ARG A 141 9.74 -33.35 -0.18
CA ARG A 141 9.61 -34.77 -0.43
C ARG A 141 8.18 -35.23 -0.08
N MET A 142 7.64 -34.75 1.04
CA MET A 142 6.26 -35.10 1.40
C MET A 142 5.26 -34.65 0.36
N LEU A 143 5.50 -33.46 -0.21
CA LEU A 143 4.63 -32.94 -1.26
C LEU A 143 4.71 -33.84 -2.49
N GLN A 144 5.94 -34.22 -2.85
CA GLN A 144 6.12 -35.04 -4.03
C GLN A 144 5.48 -36.41 -3.83
N GLN A 145 5.45 -36.89 -2.59
CA GLN A 145 4.73 -38.12 -2.26
C GLN A 145 3.23 -37.96 -1.99
N LYS A 146 2.71 -36.75 -2.14
CA LYS A 146 1.31 -36.40 -1.93
C LYS A 146 0.85 -36.67 -0.50
N ARG A 147 1.82 -36.55 0.42
CA ARG A 147 1.57 -36.66 1.86
C ARG A 147 1.23 -35.27 2.39
N TRP A 148 0.03 -34.80 2.03
CA TRP A 148 -0.32 -33.39 2.17
C TRP A 148 -0.37 -32.95 3.64
N ALA A 149 -0.98 -33.76 4.50
CA ALA A 149 -1.13 -33.34 5.87
C ALA A 149 0.22 -33.31 6.58
N GLU A 150 1.11 -34.27 6.32
CA GLU A 150 2.41 -34.29 6.95
C GLU A 150 3.22 -33.12 6.40
N ALA A 151 3.08 -32.84 5.10
CA ALA A 151 3.80 -31.71 4.50
C ALA A 151 3.39 -30.41 5.18
N ALA A 152 2.11 -30.27 5.44
CA ALA A 152 1.59 -29.06 6.06
C ALA A 152 2.10 -28.84 7.47
N VAL A 153 2.15 -29.92 8.25
CA VAL A 153 2.66 -29.91 9.61
C VAL A 153 4.11 -29.48 9.62
N ASN A 154 4.87 -30.00 8.69
CA ASN A 154 6.29 -29.75 8.70
C ASN A 154 6.59 -28.32 8.30
N LEU A 155 5.85 -27.83 7.31
CA LEU A 155 6.02 -26.45 6.87
C LEU A 155 5.68 -25.48 7.98
N ALA A 156 4.69 -25.80 8.80
CA ALA A 156 4.29 -24.89 9.88
C ALA A 156 5.33 -24.80 11.00
N LYS A 157 6.31 -25.69 11.02
CA LYS A 157 7.35 -25.67 12.06
C LYS A 157 8.44 -24.66 11.76
N SER A 158 8.37 -24.03 10.61
CA SER A 158 9.49 -23.23 10.10
C SER A 158 9.49 -21.76 10.49
N ARG A 159 10.67 -21.16 10.34
CA ARG A 159 10.84 -19.72 10.41
C ARG A 159 9.90 -18.92 9.43
N TRP A 160 9.70 -19.46 8.25
CA TRP A 160 8.72 -18.92 7.31
C TRP A 160 7.36 -18.65 7.95
N TYR A 161 6.87 -19.61 8.71
CA TYR A 161 5.58 -19.48 9.39
C TYR A 161 5.63 -18.32 10.38
N ASN A 162 6.73 -18.18 11.09
CA ASN A 162 6.86 -17.09 12.07
C ASN A 162 6.95 -15.71 11.39
N GLN A 163 7.62 -15.64 10.23
CA GLN A 163 7.86 -14.37 9.53
C GLN A 163 6.56 -13.77 8.97
N THR A 164 5.74 -14.61 8.33
CA THR A 164 4.53 -14.15 7.61
C THR A 164 3.37 -15.13 7.89
N PRO A 165 2.88 -15.17 9.13
CA PRO A 165 1.92 -16.23 9.45
C PRO A 165 0.65 -16.24 8.58
N ASN A 166 0.07 -15.08 8.29
CA ASN A 166 -1.18 -15.08 7.51
C ASN A 166 -0.93 -15.66 6.13
N ARG A 167 0.12 -15.21 5.49
CA ARG A 167 0.40 -15.64 4.13
C ARG A 167 0.80 -17.11 4.16
N THR A 168 1.68 -17.44 5.09
CA THR A 168 2.17 -18.82 5.16
C THR A 168 1.04 -19.79 5.43
N LYS A 169 0.09 -19.43 6.30
CA LYS A 169 -1.04 -20.30 6.52
C LYS A 169 -1.89 -20.52 5.27
N ARG A 170 -2.08 -19.47 4.47
CA ARG A 170 -2.85 -19.61 3.24
C ARG A 170 -2.15 -20.52 2.23
N VAL A 171 -0.84 -20.34 2.11
CA VAL A 171 -0.09 -21.16 1.17
C VAL A 171 -0.09 -22.62 1.62
N ILE A 172 0.14 -22.85 2.91
CA ILE A 172 0.13 -24.22 3.45
C ILE A 172 -1.26 -24.85 3.25
N THR A 173 -2.33 -24.08 3.43
CA THR A 173 -3.67 -24.61 3.21
C THR A 173 -3.85 -25.02 1.77
N THR A 174 -3.25 -24.26 0.86
CA THR A 174 -3.34 -24.55 -0.55
C THR A 174 -2.62 -25.88 -0.81
N PHE A 175 -1.45 -26.12 -0.24
CA PHE A 175 -0.85 -27.47 -0.28
C PHE A 175 -1.68 -28.53 0.40
N ALA A 176 -2.30 -28.21 1.54
CA ALA A 176 -2.97 -29.25 2.27
C ALA A 176 -4.19 -29.77 1.49
N THR A 177 -4.87 -28.86 0.80
CA THR A 177 -6.21 -29.12 0.23
C THR A 177 -6.21 -29.22 -1.31
N GLY A 178 -5.22 -28.62 -1.98
CA GLY A 178 -5.23 -28.52 -3.42
C GLY A 178 -6.36 -27.65 -3.94
N THR A 179 -6.91 -26.83 -3.07
CA THR A 179 -7.98 -25.89 -3.41
C THR A 179 -7.59 -24.46 -3.14
N TRP A 180 -8.41 -23.55 -3.63
CA TRP A 180 -8.21 -22.15 -3.32
C TRP A 180 -9.00 -21.68 -2.09
N ASP A 181 -9.43 -22.61 -1.26
CA ASP A 181 -10.29 -22.27 -0.10
C ASP A 181 -9.75 -21.15 0.78
N ALA A 182 -8.45 -21.12 1.02
CA ALA A 182 -7.93 -20.09 1.93
C ALA A 182 -8.18 -18.70 1.35
N TYR A 183 -8.09 -18.57 0.03
CA TYR A 183 -8.26 -17.28 -0.61
C TYR A 183 -9.73 -16.95 -0.78
N LYS A 184 -10.53 -17.95 -1.13
CA LYS A 184 -11.98 -17.79 -1.16
C LYS A 184 -12.50 -17.36 0.22
N ASN A 185 -12.01 -18.00 1.29
CA ASN A 185 -12.50 -17.67 2.62
C ASN A 185 -12.11 -16.25 3.03
N LEU A 186 -10.88 -15.83 2.70
CA LEU A 186 -10.45 -14.49 3.03
C LEU A 186 -11.27 -13.43 2.28
N ARG A 187 -11.45 -13.72 0.97
CA ARG A 187 -12.20 -12.76 0.17
C ARG A 187 -13.66 -12.61 0.70
N LYS A 188 -14.27 -13.73 1.10
CA LYS A 188 -15.63 -13.66 1.59
C LYS A 188 -15.68 -12.93 2.90
N LYS A 189 -14.71 -13.18 3.75
CA LYS A 189 -14.67 -12.52 5.05
C LYS A 189 -14.57 -11.01 4.87
N LEU A 190 -13.74 -10.56 3.94
CA LEU A 190 -13.62 -9.14 3.69
C LEU A 190 -14.86 -8.56 3.00
N GLU A 191 -15.47 -9.29 2.07
CA GLU A 191 -16.74 -8.87 1.42
C GLU A 191 -17.82 -8.71 2.47
N GLN A 192 -17.88 -9.63 3.43
CA GLN A 192 -18.94 -9.55 4.44
C GLN A 192 -18.68 -8.34 5.37
N LEU A 193 -17.42 -8.06 5.69
CA LEU A 193 -17.09 -6.86 6.46
C LEU A 193 -17.38 -5.59 5.68
N TYR A 194 -16.94 -5.53 4.43
CA TYR A 194 -17.22 -4.40 3.58
C TYR A 194 -18.71 -4.08 3.51
N ASN A 195 -19.55 -5.11 3.43
CA ASN A 195 -20.99 -4.91 3.29
C ASN A 195 -21.62 -4.20 4.51
N ARG A 196 -20.94 -4.23 5.65
CA ARG A 196 -21.41 -3.50 6.82
C ARG A 196 -21.33 -1.98 6.60
N TYR A 197 -20.43 -1.56 5.72
CA TYR A 197 -20.17 -0.13 5.52
C TYR A 197 -20.65 0.42 4.18
N LYS A 198 -20.92 -0.45 3.20
CA LYS A 198 -21.22 0.05 1.86
C LYS A 198 -22.46 0.94 1.82
N ASP A 199 -22.42 1.88 0.88
CA ASP A 199 -23.55 2.76 0.61
C ASP A 199 -24.74 1.95 0.10
N PRO A 200 -25.91 2.05 0.76
CA PRO A 200 -27.10 1.38 0.23
C PRO A 200 -27.43 1.75 -1.22
N GLN A 201 -27.00 2.94 -1.64
CA GLN A 201 -27.29 3.45 -2.96
C GLN A 201 -26.17 3.21 -3.97
N ASP A 202 -25.07 2.60 -3.54
CA ASP A 202 -23.95 2.36 -4.45
C ASP A 202 -23.02 1.33 -3.86
N GLU A 203 -23.21 0.09 -4.28
CA GLU A 203 -22.49 -1.08 -3.76
C GLU A 203 -20.99 -0.89 -3.65
N ASN A 204 -20.43 -0.07 -4.53
CA ASN A 204 -18.97 0.03 -4.65
C ASN A 204 -18.40 1.24 -3.95
N LYS A 205 -19.20 1.86 -3.09
CA LYS A 205 -18.75 2.96 -2.23
C LYS A 205 -19.19 2.75 -0.79
N ILE A 206 -18.39 3.26 0.12
CA ILE A 206 -18.77 3.46 1.51
C ILE A 206 -19.21 4.90 1.67
N GLY A 207 -20.45 5.11 2.07
CA GLY A 207 -21.04 6.45 2.14
C GLY A 207 -20.82 7.10 3.49
N ILE A 208 -21.47 8.24 3.74
CA ILE A 208 -21.20 8.99 4.95
C ILE A 208 -21.56 8.18 6.19
N ASP A 209 -22.65 7.42 6.13
CA ASP A 209 -23.01 6.59 7.28
C ASP A 209 -22.00 5.47 7.50
N GLY A 210 -21.53 4.90 6.40
CA GLY A 210 -20.53 3.82 6.45
C GLY A 210 -19.19 4.27 6.99
N ILE A 211 -18.71 5.46 6.60
CA ILE A 211 -17.44 5.93 7.14
C ILE A 211 -17.64 6.20 8.61
N GLN A 212 -18.80 6.74 9.00
CA GLN A 212 -19.04 6.99 10.42
C GLN A 212 -19.03 5.67 11.21
N GLN A 213 -19.67 4.66 10.64
CA GLN A 213 -19.77 3.35 11.28
C GLN A 213 -18.40 2.69 11.44
N PHE A 214 -17.57 2.83 10.41
CA PHE A 214 -16.23 2.29 10.41
C PHE A 214 -15.43 2.92 11.56
N CYS A 215 -15.53 4.25 11.66
CA CYS A 215 -14.86 4.99 12.76
C CYS A 215 -15.40 4.53 14.11
N ASP A 216 -16.73 4.44 14.23
CA ASP A 216 -17.35 3.95 15.46
C ASP A 216 -16.84 2.57 15.85
N ASP A 217 -16.75 1.68 14.86
CA ASP A 217 -16.33 0.30 15.10
C ASP A 217 -14.88 0.26 15.58
N LEU A 218 -14.09 1.21 15.09
CA LEU A 218 -12.69 1.38 15.51
C LEU A 218 -12.52 2.20 16.81
N ALA A 219 -13.63 2.70 17.36
CA ALA A 219 -13.61 3.57 18.53
C ALA A 219 -12.79 4.84 18.30
N LEU A 220 -12.93 5.39 17.08
CA LEU A 220 -12.23 6.59 16.68
C LEU A 220 -13.17 7.72 16.37
N ASP A 221 -12.80 8.92 16.79
CA ASP A 221 -13.41 10.17 16.36
C ASP A 221 -13.03 10.40 14.87
N PRO A 222 -14.01 10.66 14.00
CA PRO A 222 -13.75 10.93 12.57
C PRO A 222 -12.78 12.07 12.34
N ALA A 223 -12.70 12.99 13.30
CA ALA A 223 -11.79 14.12 13.19
C ALA A 223 -10.44 13.84 13.82
N SER A 224 -10.19 12.63 14.27
CA SER A 224 -8.91 12.35 14.90
CA SER A 224 -8.92 12.30 14.89
C SER A 224 -7.82 12.16 13.84
N ILE A 225 -6.58 12.40 14.23
CA ILE A 225 -5.50 12.13 13.29
C ILE A 225 -5.42 10.63 12.95
N SER A 226 -5.89 9.74 13.84
CA SER A 226 -5.86 8.30 13.55
C SER A 226 -6.63 7.95 12.27
N VAL A 227 -7.75 8.64 12.05
CA VAL A 227 -8.57 8.36 10.90
C VAL A 227 -7.83 8.81 9.63
N LEU A 228 -7.15 9.94 9.70
CA LEU A 228 -6.36 10.41 8.55
C LEU A 228 -5.20 9.43 8.26
N ILE A 229 -4.60 8.90 9.32
CA ILE A 229 -3.52 7.95 9.18
C ILE A 229 -4.00 6.68 8.47
N ILE A 230 -5.19 6.19 8.81
CA ILE A 230 -5.77 5.03 8.12
C ILE A 230 -5.98 5.37 6.65
N ALA A 231 -6.52 6.55 6.37
CA ALA A 231 -6.76 6.95 4.98
C ALA A 231 -5.46 6.93 4.20
N TRP A 232 -4.40 7.39 4.85
CA TRP A 232 -3.07 7.40 4.25
C TRP A 232 -2.60 5.99 3.92
N LYS A 233 -2.75 5.09 4.89
CA LYS A 233 -2.33 3.71 4.69
C LYS A 233 -3.20 3.01 3.65
N PHE A 234 -4.46 3.39 3.54
CA PHE A 234 -5.35 2.86 2.50
C PHE A 234 -5.15 3.58 1.16
N ARG A 235 -4.21 4.52 1.10
CA ARG A 235 -3.97 5.36 -0.07
C ARG A 235 -5.29 5.89 -0.68
N ALA A 236 -6.20 6.33 0.18
CA ALA A 236 -7.48 6.85 -0.26
C ALA A 236 -7.33 8.12 -1.05
N ALA A 237 -8.09 8.20 -2.12
CA ALA A 237 -7.98 9.31 -3.06
C ALA A 237 -8.54 10.60 -2.53
N THR A 238 -9.63 10.53 -1.78
CA THR A 238 -10.34 11.75 -1.43
C THR A 238 -11.24 11.58 -0.20
N GLN A 239 -11.37 12.64 0.59
CA GLN A 239 -11.99 12.52 1.91
C GLN A 239 -13.50 12.22 1.85
N CYS A 240 -14.20 12.62 0.79
CA CYS A 240 -15.65 12.44 0.76
C CYS A 240 -16.06 11.25 -0.08
N GLU A 241 -15.12 10.35 -0.30
CA GLU A 241 -15.43 9.07 -0.92
C GLU A 241 -14.52 8.01 -0.33
N PHE A 242 -15.00 6.80 -0.33
CA PHE A 242 -14.22 5.69 0.13
C PHE A 242 -14.67 4.51 -0.69
N SER A 243 -13.84 4.04 -1.61
CA SER A 243 -14.33 3.06 -2.56
C SER A 243 -14.13 1.64 -2.06
N LYS A 244 -14.87 0.72 -2.66
CA LYS A 244 -14.71 -0.70 -2.36
C LYS A 244 -13.29 -1.15 -2.62
N GLN A 245 -12.76 -0.73 -3.76
CA GLN A 245 -11.40 -1.10 -4.14
C GLN A 245 -10.37 -0.61 -3.10
N GLU A 246 -10.52 0.63 -2.65
CA GLU A 246 -9.65 1.18 -1.60
C GLU A 246 -9.76 0.37 -0.30
N PHE A 247 -10.98 0.04 0.09
CA PHE A 247 -11.19 -0.68 1.31
C PHE A 247 -10.56 -2.09 1.22
N MET A 248 -10.90 -2.79 0.17
CA MET A 248 -10.40 -4.15 0.02
C MET A 248 -8.87 -4.22 -0.13
N ASP A 249 -8.33 -3.35 -0.99
CA ASP A 249 -6.89 -3.30 -1.23
C ASP A 249 -6.18 -2.85 0.04
N GLY A 250 -6.75 -1.93 0.80
CA GLY A 250 -6.14 -1.51 2.05
C GLY A 250 -6.06 -2.58 3.14
N MET A 251 -7.19 -3.24 3.40
CA MET A 251 -7.23 -4.30 4.39
C MET A 251 -6.26 -5.42 3.99
N THR A 252 -6.22 -5.74 2.70
CA THR A 252 -5.34 -6.77 2.17
C THR A 252 -3.86 -6.42 2.39
N GLU A 253 -3.53 -5.18 2.10
CA GLU A 253 -2.16 -4.70 2.24
C GLU A 253 -1.70 -4.72 3.68
N LEU A 254 -2.58 -4.23 4.55
CA LEU A 254 -2.34 -4.20 5.99
C LEU A 254 -2.40 -5.59 6.60
N GLY A 255 -2.89 -6.58 5.85
CA GLY A 255 -3.00 -7.94 6.37
C GLY A 255 -4.04 -8.11 7.46
N CYS A 256 -5.13 -7.36 7.33
CA CYS A 256 -6.20 -7.36 8.30
C CYS A 256 -7.47 -7.93 7.72
N ASP A 257 -8.10 -8.88 8.40
CA ASP A 257 -9.36 -9.43 7.90
C ASP A 257 -10.53 -9.08 8.81
N SER A 258 -10.31 -8.17 9.76
CA SER A 258 -11.36 -7.80 10.73
C SER A 258 -11.05 -6.43 11.31
N ILE A 259 -12.05 -5.83 11.93
CA ILE A 259 -11.83 -4.55 12.59
C ILE A 259 -10.88 -4.68 13.77
N GLU A 260 -10.96 -5.81 14.48
CA GLU A 260 -10.08 -6.06 15.60
C GLU A 260 -8.63 -5.99 15.19
N LYS A 261 -8.30 -6.64 14.07
CA LYS A 261 -6.95 -6.62 13.56
C LYS A 261 -6.51 -5.25 13.06
N LEU A 262 -7.41 -4.52 12.43
CA LEU A 262 -7.09 -3.17 11.96
C LEU A 262 -6.82 -2.26 13.14
N LYS A 263 -7.65 -2.40 14.18
CA LYS A 263 -7.48 -1.63 15.40
C LYS A 263 -6.06 -1.84 15.91
N ALA A 264 -5.61 -3.08 15.89
CA ALA A 264 -4.27 -3.42 16.40
C ALA A 264 -3.16 -2.80 15.52
N GLN A 265 -3.44 -2.59 14.24
CA GLN A 265 -2.43 -1.99 13.36
C GLN A 265 -2.28 -0.49 13.58
N ILE A 266 -3.30 0.17 14.10
CA ILE A 266 -3.27 1.62 14.07
C ILE A 266 -2.07 2.18 14.81
N PRO A 267 -1.81 1.69 16.03
CA PRO A 267 -0.60 2.24 16.67
C PRO A 267 0.68 2.00 15.88
N LYS A 268 0.76 0.90 15.15
CA LYS A 268 1.95 0.65 14.31
C LYS A 268 2.07 1.66 13.16
N MET A 269 0.92 2.06 12.60
CA MET A 269 0.91 3.14 11.59
C MET A 269 1.43 4.44 12.17
N GLU A 270 0.98 4.77 13.37
CA GLU A 270 1.42 5.99 14.04
C GLU A 270 2.91 5.97 14.24
N GLN A 271 3.44 4.84 14.68
CA GLN A 271 4.88 4.72 14.90
C GLN A 271 5.67 4.98 13.62
N GLU A 272 5.12 4.54 12.49
CA GLU A 272 5.77 4.74 11.19
C GLU A 272 6.05 6.22 10.95
N LEU A 273 5.18 7.09 11.46
CA LEU A 273 5.36 8.53 11.21
C LEU A 273 6.52 9.18 11.99
N LYS A 274 7.20 8.41 12.83
CA LYS A 274 8.37 8.95 13.52
C LYS A 274 9.57 9.10 12.59
N GLU A 275 9.57 8.38 11.47
CA GLU A 275 10.60 8.55 10.46
C GLU A 275 10.28 9.79 9.60
N PRO A 276 11.15 10.82 9.60
CA PRO A 276 10.87 12.07 8.86
C PRO A 276 10.44 11.85 7.41
N GLY A 277 11.01 10.83 6.77
CA GLY A 277 10.64 10.47 5.42
C GLY A 277 9.17 10.07 5.31
N ARG A 278 8.73 9.20 6.21
CA ARG A 278 7.34 8.75 6.22
C ARG A 278 6.38 9.90 6.63
N PHE A 279 6.76 10.74 7.60
CA PHE A 279 5.88 11.84 7.93
C PHE A 279 5.72 12.78 6.73
N LYS A 280 6.80 13.07 6.03
CA LYS A 280 6.69 13.91 4.85
C LYS A 280 5.72 13.30 3.84
N ASP A 281 5.75 12.00 3.66
CA ASP A 281 4.82 11.37 2.73
C ASP A 281 3.37 11.55 3.17
N PHE A 282 3.13 11.28 4.44
CA PHE A 282 1.83 11.47 5.08
C PHE A 282 1.30 12.90 4.94
N TYR A 283 2.17 13.83 5.26
CA TYR A 283 1.86 15.25 5.21
C TYR A 283 1.47 15.69 3.81
N GLN A 284 2.24 15.25 2.80
CA GLN A 284 1.93 15.66 1.45
C GLN A 284 0.65 14.98 0.95
N PHE A 285 0.48 13.73 1.38
CA PHE A 285 -0.74 12.97 1.08
C PHE A 285 -1.98 13.75 1.52
N THR A 286 -1.89 14.37 2.69
CA THR A 286 -3.02 14.98 3.31
C THR A 286 -3.65 16.04 2.43
N PHE A 287 -2.80 16.81 1.74
CA PHE A 287 -3.28 17.83 0.80
C PHE A 287 -4.12 17.21 -0.30
N ASN A 288 -3.59 16.16 -0.90
CA ASN A 288 -4.27 15.52 -2.02
C ASN A 288 -5.60 14.93 -1.60
N PHE A 289 -5.62 14.41 -0.39
CA PHE A 289 -6.79 13.73 0.16
C PHE A 289 -7.85 14.73 0.54
N ALA A 290 -7.41 15.85 1.09
CA ALA A 290 -8.32 16.89 1.58
C ALA A 290 -8.98 17.74 0.49
N LYS A 291 -8.28 17.97 -0.62
CA LYS A 291 -8.71 18.93 -1.61
C LYS A 291 -9.88 18.38 -2.36
N ASN A 292 -10.93 19.18 -2.54
CA ASN A 292 -12.05 18.73 -3.34
C ASN A 292 -11.61 18.45 -4.79
N PRO A 293 -11.99 17.28 -5.35
CA PRO A 293 -11.58 17.06 -6.74
C PRO A 293 -12.06 18.18 -7.66
N GLY A 294 -11.18 18.63 -8.54
CA GLY A 294 -11.52 19.70 -9.46
C GLY A 294 -11.04 21.05 -8.98
N GLN A 295 -11.37 21.39 -7.73
CA GLN A 295 -10.90 22.63 -7.09
C GLN A 295 -9.40 22.75 -7.29
N LYS A 296 -8.91 23.94 -7.61
CA LYS A 296 -7.53 24.05 -8.04
C LYS A 296 -6.55 24.06 -6.85
N GLY A 297 -6.99 24.61 -5.73
CA GLY A 297 -6.21 24.58 -4.49
C GLY A 297 -7.05 24.14 -3.33
N LEU A 298 -6.42 24.02 -2.16
CA LEU A 298 -7.14 23.60 -0.97
C LEU A 298 -7.77 24.79 -0.26
N ASP A 299 -9.06 24.66 0.00
CA ASP A 299 -9.83 25.67 0.70
C ASP A 299 -9.15 26.04 2.01
N LEU A 300 -9.00 27.32 2.29
CA LEU A 300 -8.21 27.75 3.43
C LEU A 300 -8.70 27.14 4.75
N GLU A 301 -10.00 27.14 4.98
CA GLU A 301 -10.52 26.62 6.26
C GLU A 301 -10.23 25.14 6.41
N MET A 302 -10.32 24.40 5.31
CA MET A 302 -9.96 22.98 5.32
C MET A 302 -8.47 22.80 5.60
N ALA A 303 -7.64 23.64 4.99
CA ALA A 303 -6.20 23.63 5.21
C ALA A 303 -5.91 23.84 6.69
N ILE A 304 -6.54 24.86 7.25
CA ILE A 304 -6.34 25.11 8.67
C ILE A 304 -6.72 23.91 9.53
N ALA A 305 -7.87 23.29 9.23
CA ALA A 305 -8.34 22.14 9.99
C ALA A 305 -7.31 21.02 9.95
N TYR A 306 -6.82 20.70 8.74
CA TYR A 306 -5.86 19.62 8.62
C TYR A 306 -4.47 19.99 9.17
N TRP A 307 -4.04 21.26 9.01
CA TRP A 307 -2.80 21.70 9.60
C TRP A 307 -2.82 21.51 11.13
N ASN A 308 -3.94 21.84 11.75
CA ASN A 308 -4.05 21.73 13.20
C ASN A 308 -4.00 20.28 13.64
N LEU A 309 -4.40 19.39 12.75
CA LEU A 309 -4.31 17.96 13.06
C LEU A 309 -2.89 17.45 12.88
N VAL A 310 -2.26 17.72 11.75
CA VAL A 310 -1.00 17.07 11.43
C VAL A 310 0.25 17.80 11.88
N LEU A 311 0.15 19.10 12.15
CA LEU A 311 1.33 19.83 12.59
C LEU A 311 1.33 20.13 14.08
N ASN A 312 0.32 19.70 14.82
CA ASN A 312 0.31 19.97 16.25
C ASN A 312 1.42 19.14 16.91
N GLY A 313 2.34 19.82 17.57
CA GLY A 313 3.45 19.15 18.21
C GLY A 313 4.67 19.07 17.30
N ARG A 314 4.54 19.55 16.06
CA ARG A 314 5.70 19.64 15.16
C ARG A 314 6.08 21.07 14.80
N PHE A 315 5.07 21.91 14.56
CA PHE A 315 5.26 23.30 14.13
C PHE A 315 5.15 24.20 15.34
N LYS A 316 6.28 24.75 15.78
CA LYS A 316 6.31 25.55 17.01
C LYS A 316 5.41 26.78 16.96
N PHE A 317 5.13 27.29 15.76
CA PHE A 317 4.32 28.49 15.64
C PHE A 317 2.91 28.25 15.15
N LEU A 318 2.38 27.07 15.40
CA LEU A 318 1.05 26.74 14.93
C LEU A 318 -0.03 27.70 15.46
N ASP A 319 0.05 28.10 16.73
CA ASP A 319 -1.02 28.99 17.24
C ASP A 319 -0.98 30.32 16.49
N LEU A 320 0.21 30.85 16.27
CA LEU A 320 0.37 32.12 15.54
C LEU A 320 -0.02 31.99 14.08
N TRP A 321 0.26 30.83 13.53
CA TRP A 321 -0.11 30.53 12.16
C TRP A 321 -1.62 30.60 12.03
N ASN A 322 -2.35 30.02 12.99
CA ASN A 322 -3.82 30.14 13.02
C ASN A 322 -4.27 31.59 13.05
N LYS A 323 -3.68 32.36 13.94
CA LYS A 323 -4.06 33.76 14.15
C LYS A 323 -3.83 34.55 12.86
N PHE A 324 -2.67 34.32 12.27
CA PHE A 324 -2.29 34.93 10.99
C PHE A 324 -3.30 34.64 9.88
N LEU A 325 -3.68 33.38 9.74
CA LEU A 325 -4.52 33.01 8.61
C LEU A 325 -5.95 33.45 8.83
N LEU A 326 -6.34 33.57 10.09
CA LEU A 326 -7.67 34.02 10.41
C LEU A 326 -7.82 35.53 10.21
N GLU A 327 -6.69 36.23 10.11
CA GLU A 327 -6.68 37.69 9.94
C GLU A 327 -6.29 38.11 8.52
N SER A 332 -7.11 30.32 -0.38
CA SER A 332 -6.91 29.01 -1.02
C SER A 332 -5.42 28.65 -1.14
N ILE A 333 -5.05 27.44 -0.73
CA ILE A 333 -3.65 27.04 -0.58
C ILE A 333 -3.19 26.13 -1.72
N PRO A 334 -2.17 26.55 -2.49
CA PRO A 334 -1.70 25.61 -3.52
C PRO A 334 -0.80 24.54 -2.92
N LYS A 335 -0.66 23.44 -3.66
CA LYS A 335 0.15 22.30 -3.22
C LYS A 335 1.57 22.72 -2.81
N ASP A 336 2.21 23.58 -3.60
CA ASP A 336 3.57 24.01 -3.30
C ASP A 336 3.67 24.71 -1.96
N THR A 337 2.70 25.56 -1.67
CA THR A 337 2.68 26.27 -0.39
C THR A 337 2.44 25.31 0.78
N TRP A 338 1.48 24.41 0.62
CA TRP A 338 1.24 23.37 1.60
C TRP A 338 2.54 22.61 1.84
N ASN A 339 3.16 22.12 0.77
CA ASN A 339 4.34 21.27 0.97
C ASN A 339 5.45 22.03 1.72
N LEU A 340 5.67 23.29 1.34
CA LEU A 340 6.78 24.03 1.91
C LEU A 340 6.60 24.43 3.38
N LEU A 341 5.37 24.52 3.87
CA LEU A 341 5.18 24.83 5.28
C LEU A 341 5.89 23.78 6.16
N LEU A 342 5.92 22.53 5.75
CA LEU A 342 6.61 21.51 6.56
C LEU A 342 8.14 21.77 6.56
N ASP A 343 8.69 22.16 5.41
CA ASP A 343 10.11 22.52 5.35
C ASP A 343 10.38 23.72 6.26
N PHE A 344 9.51 24.71 6.24
CA PHE A 344 9.64 25.85 7.13
C PHE A 344 9.58 25.44 8.59
N SER A 345 8.57 24.65 8.94
CA SER A 345 8.42 24.19 10.31
C SER A 345 9.67 23.48 10.81
N THR A 346 10.28 22.70 9.93
CA THR A 346 11.42 21.90 10.34
C THR A 346 12.69 22.75 10.49
N MET A 347 12.91 23.76 9.66
CA MET A 347 14.18 24.49 9.71
C MET A 347 14.17 25.68 10.63
N ILE A 348 13.00 26.25 10.89
CA ILE A 348 12.93 27.57 11.52
C ILE A 348 13.31 27.53 13.00
N ALA A 349 14.18 28.45 13.39
CA ALA A 349 14.61 28.57 14.78
C ALA A 349 13.47 29.10 15.65
N ASP A 350 13.55 28.90 16.96
CA ASP A 350 12.46 29.32 17.82
C ASP A 350 12.22 30.84 17.85
N ASP A 351 13.23 31.60 17.43
CA ASP A 351 13.09 33.07 17.33
C ASP A 351 13.09 33.52 15.87
N MET A 352 13.02 32.56 14.95
CA MET A 352 12.99 32.82 13.50
C MET A 352 14.23 33.53 12.96
N SER A 353 15.30 33.52 13.75
CA SER A 353 16.49 34.29 13.39
C SER A 353 17.24 33.73 12.17
N ASN A 354 17.00 32.47 11.84
CA ASN A 354 17.65 31.84 10.71
C ASN A 354 16.81 31.86 9.42
N TYR A 355 15.71 32.60 9.42
CA TYR A 355 14.87 32.66 8.23
C TYR A 355 15.60 33.38 7.14
N ASP A 356 15.55 32.82 5.94
CA ASP A 356 16.20 33.40 4.78
C ASP A 356 15.16 33.96 3.83
N GLU A 357 14.93 35.27 3.87
CA GLU A 357 13.85 35.87 3.09
C GLU A 357 14.16 35.85 1.59
N GLU A 358 15.38 35.48 1.24
CA GLU A 358 15.74 35.32 -0.17
C GLU A 358 15.72 33.85 -0.55
N GLY A 359 14.95 33.05 0.17
CA GLY A 359 14.93 31.61 0.01
C GLY A 359 13.80 31.09 -0.86
N ALA A 360 13.03 31.99 -1.47
CA ALA A 360 11.94 31.64 -2.38
C ALA A 360 10.84 30.86 -1.66
N TRP A 361 10.69 31.10 -0.36
CA TRP A 361 9.50 30.67 0.34
C TRP A 361 8.27 31.34 -0.30
N PRO A 362 7.08 30.70 -0.16
CA PRO A 362 5.87 31.37 -0.63
C PRO A 362 5.74 32.73 0.02
N VAL A 363 5.08 33.65 -0.65
CA VAL A 363 4.83 34.96 -0.10
C VAL A 363 4.10 34.81 1.23
N LEU A 364 3.19 33.85 1.33
CA LEU A 364 2.42 33.62 2.57
C LEU A 364 3.34 33.44 3.76
N ILE A 365 4.42 32.69 3.55
CA ILE A 365 5.34 32.42 4.64
C ILE A 365 6.22 33.66 4.90
N ASP A 366 6.62 34.36 3.85
CA ASP A 366 7.39 35.61 4.05
C ASP A 366 6.58 36.53 4.95
N ASP A 367 5.29 36.64 4.64
CA ASP A 367 4.39 37.55 5.34
C ASP A 367 4.19 37.09 6.78
N PHE A 368 4.21 35.78 6.99
CA PHE A 368 4.00 35.24 8.32
C PHE A 368 5.17 35.58 9.20
N VAL A 369 6.35 35.45 8.65
CA VAL A 369 7.53 35.77 9.42
C VAL A 369 7.50 37.24 9.82
N GLU A 370 7.03 38.13 8.93
CA GLU A 370 6.87 39.55 9.31
C GLU A 370 5.80 39.74 10.39
N PHE A 371 4.67 39.06 10.20
CA PHE A 371 3.54 39.07 11.14
C PHE A 371 3.93 38.60 12.53
N ALA A 372 4.82 37.62 12.60
CA ALA A 372 5.10 36.93 13.86
C ALA A 372 6.17 37.57 14.72
N ARG A 373 6.85 38.59 14.23
CA ARG A 373 7.99 39.07 14.98
CA ARG A 373 8.00 39.12 14.95
C ARG A 373 7.60 40.06 16.11
N PRO A 374 6.41 40.71 16.04
CA PRO A 374 6.11 41.30 17.35
C PRO A 374 5.99 40.25 18.48
N GLN A 375 5.43 39.09 18.16
CA GLN A 375 5.17 38.10 19.19
C GLN A 375 6.47 37.54 19.76
N ILE A 376 7.46 37.33 18.91
CA ILE A 376 8.74 36.81 19.40
C ILE A 376 9.51 37.89 20.15
N ALA A 377 9.26 39.16 19.83
CA ALA A 377 9.91 40.28 20.53
C ALA A 377 9.33 40.46 21.94
FBI 8ZD B . -9.72 6.60 7.04
CBH 8ZD B . -10.60 5.98 6.22
FBJ 8ZD B . -11.67 5.51 6.93
FBK 8ZD B . -10.04 4.92 5.74
CBF 8ZD B . -11.13 6.91 5.19
CBG 8ZD B . -11.76 8.04 5.61
CBE 8ZD B . -11.05 6.63 3.80
CBD 8ZD B . -11.58 7.48 2.90
CBC 8ZD B . -12.22 8.66 3.33
CBB 8ZD B . -12.29 8.95 4.65
NBA 8ZD B . -13.01 10.15 5.05
CAY 8ZD B . -12.57 10.97 6.11
OAZ 8ZD B . -11.53 10.80 6.67
NAL 8ZD B . -13.46 12.06 6.47
CAI 8ZD B . -12.95 13.08 7.53
CAJ 8ZD B . -13.82 13.39 8.56
CAK 8ZD B . -13.13 14.47 9.39
CAH 8ZD B . -12.62 14.24 6.71
CAG 8ZD B . -12.28 15.52 7.47
NAF 8ZD B . -13.04 15.68 8.65
CAD 8ZD B . -12.61 16.63 9.46
CAE 8ZD B . -12.89 18.08 8.95
CAC 8ZD B . -11.08 16.40 9.74
CAB 8ZD B . -10.47 17.44 10.76
CAA 8ZD B . -9.20 17.98 10.17
CAM 8ZD B . -14.72 12.17 5.78
CAN 8ZD B . -15.89 11.55 6.69
CAO 8ZD B . -15.62 10.92 7.87
CAP 8ZD B . -16.68 10.40 8.67
CAQ 8ZD B . -17.94 10.50 8.28
CAR 8ZD B . -18.24 11.13 7.05
CAS 8ZD B . -17.22 11.66 6.30
NAT 8ZD B . -17.46 12.29 5.01
CAU 8ZD B . -17.46 13.71 4.89
OAV 8ZD B . -17.30 14.41 5.90
CAW 8ZD B . -17.59 14.27 3.56
CAX 8ZD B . -16.29 14.60 3.00
#